data_7U70
#
_entry.id   7U70
#
_cell.length_a   45.250
_cell.length_b   106.800
_cell.length_c   47.730
_cell.angle_alpha   90.000
_cell.angle_beta   101.840
_cell.angle_gamma   90.000
#
_symmetry.space_group_name_H-M   'P 1 21 1'
#
loop_
_entity.id
_entity.type
_entity.pdbx_description
1 polymer Beta-lactamase
2 non-polymer 3-fluoro-N-[(1R,3S)-3-(1H-tetrazol-5-yl)-2,3-dihydro-1H-inden-1-yl]benzamide
3 water water
#
_entity_poly.entity_id   1
_entity_poly.type   'polypeptide(L)'
_entity_poly.pdbx_seq_one_letter_code
;QTSAVQQKLAALEKSSGGRLGVALIDTADNTQVLYRGDERFPMCSTSKVMAAAAVLKQSETQKQLLNQPVEIKPADLVNY
NPIAEKHVNGTMTLAELSAAALQYSDNTAMNKLIAQLGGPGGVTAFARAIGDETFRLDRTEPTLNTAIPGDPRDTTTPRA
MAQTLRQLTLGHALGETQRAQLVTWLKGNTTGAASIRAGLPTSWTVGDKTGSGDYGTTNDIAVIWPQGRAPLVLVTYFTQ
PQQNAESRRDVLASAARIIAEGL
;
_entity_poly.pdbx_strand_id   A,B
#
# COMPACT_ATOMS: atom_id res chain seq x y z
N GLN A 1 -34.31 -12.75 -2.57
CA GLN A 1 -34.46 -11.65 -3.52
C GLN A 1 -33.11 -11.23 -4.08
N THR A 2 -33.12 -10.65 -5.27
CA THR A 2 -31.90 -10.17 -5.92
C THR A 2 -31.99 -8.66 -6.00
N SER A 3 -31.08 -7.97 -5.32
CA SER A 3 -31.06 -6.51 -5.30
C SER A 3 -30.32 -5.92 -6.50
N ALA A 4 -30.47 -4.62 -6.70
CA ALA A 4 -29.77 -3.96 -7.80
C ALA A 4 -28.26 -4.13 -7.68
N VAL A 5 -27.74 -4.04 -6.46
CA VAL A 5 -26.30 -4.21 -6.26
C VAL A 5 -25.89 -5.64 -6.60
N GLN A 6 -26.69 -6.62 -6.19
CA GLN A 6 -26.38 -8.01 -6.50
C GLN A 6 -26.42 -8.27 -8.01
N GLN A 7 -27.34 -7.62 -8.72
CA GLN A 7 -27.37 -7.80 -10.18
C GLN A 7 -26.14 -7.18 -10.85
N LYS A 8 -25.67 -6.05 -10.32
CA LYS A 8 -24.44 -5.47 -10.86
C LYS A 8 -23.23 -6.36 -10.59
N LEU A 9 -23.16 -6.95 -9.39
CA LEU A 9 -22.07 -7.88 -9.08
C LEU A 9 -22.14 -9.11 -9.97
N ALA A 10 -23.35 -9.58 -10.28
CA ALA A 10 -23.47 -10.72 -11.17
C ALA A 10 -22.98 -10.39 -12.58
N ALA A 11 -23.26 -9.17 -13.05
CA ALA A 11 -22.77 -8.76 -14.36
C ALA A 11 -21.26 -8.63 -14.37
N LEU A 12 -20.68 -8.08 -13.31
CA LEU A 12 -19.23 -8.04 -13.19
C LEU A 12 -18.66 -9.44 -13.24
N GLU A 13 -19.25 -10.36 -12.46
CA GLU A 13 -18.75 -11.73 -12.43
C GLU A 13 -18.83 -12.37 -13.79
N LYS A 14 -19.95 -12.18 -14.50
CA LYS A 14 -20.14 -12.85 -15.78
C LYS A 14 -19.08 -12.44 -16.79
N SER A 15 -18.63 -11.19 -16.75
CA SER A 15 -17.62 -10.71 -17.68
CA SER A 15 -17.62 -10.72 -17.68
C SER A 15 -16.19 -10.96 -17.21
N SER A 16 -16.01 -11.51 -16.00
CA SER A 16 -14.68 -11.67 -15.41
C SER A 16 -14.06 -13.02 -15.71
N GLY A 17 -14.85 -14.01 -16.11
CA GLY A 17 -14.35 -15.35 -16.33
C GLY A 17 -14.19 -16.19 -15.08
N GLY A 18 -14.45 -15.65 -13.89
CA GLY A 18 -14.24 -16.40 -12.68
C GLY A 18 -15.44 -16.40 -11.75
N ARG A 19 -15.19 -16.70 -10.48
CA ARG A 19 -16.22 -16.78 -9.45
C ARG A 19 -15.90 -15.74 -8.38
N LEU A 20 -16.88 -14.89 -8.09
CA LEU A 20 -16.73 -13.73 -7.21
C LEU A 20 -17.59 -13.92 -5.96
N GLY A 21 -17.01 -13.62 -4.80
CA GLY A 21 -17.73 -13.64 -3.54
C GLY A 21 -17.57 -12.33 -2.81
N VAL A 22 -18.68 -11.75 -2.33
CA VAL A 22 -18.65 -10.44 -1.69
C VAL A 22 -19.49 -10.49 -0.42
N ALA A 23 -19.00 -9.88 0.65
CA ALA A 23 -19.81 -9.62 1.81
C ALA A 23 -19.48 -8.23 2.34
N LEU A 24 -20.52 -7.40 2.48
CA LEU A 24 -20.43 -6.08 3.09
C LEU A 24 -21.23 -6.09 4.38
N ILE A 25 -20.67 -5.51 5.44
CA ILE A 25 -21.43 -5.11 6.63
C ILE A 25 -21.30 -3.61 6.76
N ASP A 26 -22.44 -2.92 6.73
CA ASP A 26 -22.46 -1.47 6.93
C ASP A 26 -22.81 -1.26 8.39
N THR A 27 -21.85 -0.80 9.19
CA THR A 27 -22.13 -0.63 10.62
C THR A 27 -22.99 0.59 10.94
N ALA A 28 -23.37 1.40 9.94
CA ALA A 28 -24.36 2.45 10.20
C ALA A 28 -25.69 1.87 10.65
N ASP A 29 -26.05 0.69 10.13
CA ASP A 29 -27.33 0.06 10.44
C ASP A 29 -27.23 -1.46 10.59
N ASN A 30 -26.04 -2.04 10.49
CA ASN A 30 -25.77 -3.47 10.60
C ASN A 30 -26.29 -4.26 9.42
N THR A 31 -26.68 -3.60 8.33
CA THR A 31 -27.20 -4.33 7.18
C THR A 31 -26.06 -4.94 6.38
N GLN A 32 -26.40 -5.95 5.61
CA GLN A 32 -25.42 -6.76 4.91
C GLN A 32 -25.82 -6.88 3.45
N VAL A 33 -24.82 -6.87 2.57
CA VAL A 33 -24.98 -7.21 1.16
C VAL A 33 -24.07 -8.39 0.89
N LEU A 34 -24.64 -9.46 0.33
CA LEU A 34 -23.91 -10.68 0.07
C LEU A 34 -24.01 -11.05 -1.40
N TYR A 35 -22.92 -11.57 -1.95
CA TYR A 35 -22.93 -12.16 -3.28
C TYR A 35 -22.12 -13.43 -3.17
N ARG A 36 -22.75 -14.59 -3.39
CA ARG A 36 -22.12 -15.88 -3.09
C ARG A 36 -21.58 -15.91 -1.67
N GLY A 37 -22.34 -15.30 -0.75
CA GLY A 37 -21.84 -15.06 0.59
C GLY A 37 -21.63 -16.30 1.43
N ASP A 38 -22.27 -17.41 1.06
CA ASP A 38 -22.14 -18.67 1.78
C ASP A 38 -21.41 -19.74 0.98
N GLU A 39 -20.79 -19.36 -0.13
CA GLU A 39 -19.91 -20.27 -0.86
C GLU A 39 -18.51 -20.17 -0.30
N ARG A 40 -17.76 -21.27 -0.39
CA ARG A 40 -16.40 -21.32 0.12
C ARG A 40 -15.41 -20.82 -0.93
N PHE A 41 -14.41 -20.09 -0.46
CA PHE A 41 -13.34 -19.58 -1.30
C PHE A 41 -12.03 -19.83 -0.57
N PRO A 42 -10.94 -20.07 -1.31
CA PRO A 42 -9.63 -20.16 -0.67
C PRO A 42 -9.23 -18.79 -0.15
N MET A 43 -8.81 -18.74 1.13
CA MET A 43 -8.49 -17.46 1.76
C MET A 43 -7.15 -16.90 1.31
N CYS A 44 -6.19 -17.77 1.00
CA CYS A 44 -4.82 -17.36 0.77
C CYS A 44 -4.36 -16.43 1.90
N SER A 45 -3.62 -15.36 1.59
CA SER A 45 -3.01 -14.58 2.67
C SER A 45 -3.99 -13.75 3.47
N THR A 46 -5.26 -13.70 3.10
CA THR A 46 -6.20 -13.07 4.01
C THR A 46 -6.28 -13.81 5.34
N SER A 47 -5.86 -15.08 5.38
CA SER A 47 -5.84 -15.82 6.64
C SER A 47 -4.82 -15.27 7.62
N LYS A 48 -3.88 -14.44 7.14
CA LYS A 48 -2.86 -13.87 8.03
C LYS A 48 -3.49 -12.98 9.10
N VAL A 49 -4.66 -12.39 8.80
CA VAL A 49 -5.37 -11.60 9.81
C VAL A 49 -5.77 -12.47 11.00
N MET A 50 -6.31 -13.67 10.73
CA MET A 50 -6.73 -14.53 11.83
CA MET A 50 -6.73 -14.52 11.83
C MET A 50 -5.53 -14.98 12.67
N ALA A 51 -4.40 -15.29 12.01
CA ALA A 51 -3.22 -15.72 12.75
C ALA A 51 -2.67 -14.61 13.62
N ALA A 52 -2.54 -13.40 13.05
CA ALA A 52 -2.06 -12.27 13.85
C ALA A 52 -3.01 -11.96 15.00
N ALA A 53 -4.33 -12.02 14.75
CA ALA A 53 -5.29 -11.76 15.81
C ALA A 53 -5.20 -12.81 16.92
N ALA A 54 -4.92 -14.07 16.55
CA ALA A 54 -4.81 -15.12 17.56
C ALA A 54 -3.61 -14.88 18.47
N VAL A 55 -2.50 -14.40 17.90
CA VAL A 55 -1.34 -14.07 18.71
C VAL A 55 -1.62 -12.84 19.58
N LEU A 56 -2.33 -11.85 19.04
CA LEU A 56 -2.76 -10.72 19.88
C LEU A 56 -3.60 -11.20 21.06
N LYS A 57 -4.49 -12.17 20.82
CA LYS A 57 -5.29 -12.69 21.92
C LYS A 57 -4.41 -13.34 22.99
N GLN A 58 -3.43 -14.15 22.57
CA GLN A 58 -2.50 -14.73 23.53
C GLN A 58 -1.79 -13.65 24.32
N SER A 59 -1.43 -12.54 23.67
CA SER A 59 -0.70 -11.47 24.34
C SER A 59 -1.52 -10.77 25.42
N GLU A 60 -2.83 -10.97 25.45
CA GLU A 60 -3.64 -10.36 26.50
C GLU A 60 -3.35 -10.96 27.86
N THR A 61 -2.86 -12.19 27.91
CA THR A 61 -2.46 -12.81 29.17
C THR A 61 -0.95 -12.93 29.32
N GLN A 62 -0.18 -12.45 28.35
CA GLN A 62 1.28 -12.45 28.39
C GLN A 62 1.76 -11.08 27.89
N LYS A 63 1.97 -10.14 28.83
CA LYS A 63 2.31 -8.77 28.48
C LYS A 63 3.57 -8.66 27.61
N GLN A 64 4.51 -9.59 27.78
CA GLN A 64 5.77 -9.52 27.05
C GLN A 64 5.81 -10.42 25.82
N LEU A 65 4.69 -11.05 25.46
CA LEU A 65 4.71 -12.03 24.37
C LEU A 65 5.17 -11.40 23.06
N LEU A 66 4.68 -10.20 22.75
CA LEU A 66 5.00 -9.58 21.47
C LEU A 66 6.46 -9.17 21.36
N ASN A 67 7.19 -9.11 22.48
CA ASN A 67 8.62 -8.83 22.48
C ASN A 67 9.48 -10.08 22.54
N GLN A 68 8.86 -11.25 22.58
CA GLN A 68 9.60 -12.51 22.68
C GLN A 68 10.33 -12.78 21.36
N PRO A 69 11.64 -13.04 21.40
CA PRO A 69 12.36 -13.28 20.14
C PRO A 69 12.09 -14.67 19.60
N VAL A 70 12.03 -14.76 18.27
CA VAL A 70 11.83 -16.01 17.55
C VAL A 70 13.01 -16.17 16.59
N GLU A 71 13.66 -17.34 16.66
CA GLU A 71 14.81 -17.60 15.79
C GLU A 71 14.34 -17.76 14.35
N ILE A 72 15.04 -17.13 13.42
CA ILE A 72 14.84 -17.31 11.99
C ILE A 72 16.05 -18.04 11.45
N LYS A 73 15.87 -19.25 10.98
CA LYS A 73 16.97 -20.04 10.43
C LYS A 73 16.89 -20.10 8.91
N PRO A 74 18.00 -20.38 8.24
CA PRO A 74 17.96 -20.46 6.77
C PRO A 74 16.91 -21.42 6.25
N ALA A 75 16.67 -22.52 6.96
CA ALA A 75 15.66 -23.48 6.53
C ALA A 75 14.23 -22.95 6.69
N ASP A 76 14.03 -21.87 7.45
CA ASP A 76 12.69 -21.32 7.64
C ASP A 76 12.21 -20.51 6.45
N LEU A 77 13.10 -20.08 5.56
CA LEU A 77 12.67 -19.29 4.42
C LEU A 77 11.86 -20.15 3.46
N VAL A 78 10.80 -19.56 2.93
CA VAL A 78 9.95 -20.23 1.94
C VAL A 78 10.02 -19.44 0.63
N ASN A 79 8.87 -19.14 0.03
CA ASN A 79 8.87 -18.59 -1.32
C ASN A 79 8.87 -17.07 -1.38
N TYR A 80 8.33 -16.39 -0.36
CA TYR A 80 8.24 -14.93 -0.38
C TYR A 80 8.43 -14.48 1.06
N ASN A 81 9.56 -13.86 1.34
CA ASN A 81 9.92 -13.56 2.71
C ASN A 81 10.78 -12.30 2.72
N PRO A 82 10.24 -11.18 2.26
CA PRO A 82 11.08 -9.99 2.10
C PRO A 82 11.60 -9.44 3.42
N ILE A 83 10.89 -9.65 4.53
CA ILE A 83 11.34 -9.19 5.82
C ILE A 83 12.18 -10.24 6.53
N ALA A 84 11.68 -11.48 6.57
CA ALA A 84 12.35 -12.51 7.34
C ALA A 84 13.74 -12.84 6.80
N GLU A 85 13.94 -12.74 5.48
CA GLU A 85 15.26 -13.09 4.94
C GLU A 85 16.34 -12.15 5.43
N LYS A 86 16.00 -10.92 5.81
CA LYS A 86 16.99 -10.02 6.39
C LYS A 86 17.42 -10.43 7.80
N HIS A 87 16.71 -11.35 8.45
CA HIS A 87 16.95 -11.72 9.82
C HIS A 87 17.35 -13.17 9.97
N VAL A 88 17.71 -13.85 8.87
N VAL A 88 17.72 -13.84 8.87
CA VAL A 88 18.16 -15.23 8.97
CA VAL A 88 18.17 -15.21 8.95
C VAL A 88 19.40 -15.28 9.84
C VAL A 88 19.42 -15.28 9.83
N ASN A 89 19.50 -16.32 10.66
CA ASN A 89 20.54 -16.49 11.67
C ASN A 89 20.43 -15.47 12.80
N GLY A 90 19.32 -14.73 12.85
CA GLY A 90 19.01 -13.79 13.91
C GLY A 90 17.62 -14.08 14.45
N THR A 91 16.98 -13.02 14.96
CA THR A 91 15.67 -13.18 15.59
C THR A 91 14.76 -12.05 15.15
N MET A 92 13.45 -12.32 15.27
CA MET A 92 12.39 -11.33 15.13
C MET A 92 11.41 -11.55 16.27
N THR A 93 10.84 -10.48 16.80
CA THR A 93 9.82 -10.64 17.83
C THR A 93 8.47 -10.97 17.18
N LEU A 94 7.54 -11.45 18.00
CA LEU A 94 6.21 -11.75 17.48
C LEU A 94 5.52 -10.50 16.96
N ALA A 95 5.77 -9.33 17.55
CA ALA A 95 5.24 -8.10 16.97
C ALA A 95 5.82 -7.86 15.58
N GLU A 96 7.13 -8.04 15.43
CA GLU A 96 7.76 -7.86 14.13
C GLU A 96 7.23 -8.87 13.11
N LEU A 97 7.01 -10.11 13.54
CA LEU A 97 6.47 -11.11 12.64
C LEU A 97 5.04 -10.80 12.25
N SER A 98 4.23 -10.31 13.19
CA SER A 98 2.86 -9.93 12.88
C SER A 98 2.82 -8.79 11.87
N ALA A 99 3.61 -7.75 12.12
CA ALA A 99 3.67 -6.62 11.20
C ALA A 99 4.13 -7.05 9.82
N ALA A 100 5.15 -7.91 9.75
CA ALA A 100 5.64 -8.35 8.46
C ALA A 100 4.61 -9.18 7.72
N ALA A 101 3.93 -10.09 8.43
CA ALA A 101 2.88 -10.91 7.83
C ALA A 101 1.76 -10.04 7.28
N LEU A 102 1.30 -9.07 8.08
CA LEU A 102 0.14 -8.28 7.68
C LEU A 102 0.49 -7.23 6.64
N GLN A 103 1.56 -6.49 6.84
CA GLN A 103 1.82 -5.31 6.02
C GLN A 103 2.64 -5.61 4.78
N TYR A 104 3.43 -6.68 4.78
CA TYR A 104 4.22 -7.08 3.63
C TYR A 104 3.83 -8.44 3.10
N SER A 105 2.94 -9.16 3.79
CA SER A 105 2.50 -10.48 3.37
C SER A 105 3.64 -11.50 3.39
N ASP A 106 4.57 -11.35 4.33
CA ASP A 106 5.72 -12.25 4.44
C ASP A 106 5.26 -13.64 4.88
N ASN A 107 5.61 -14.65 4.09
CA ASN A 107 5.14 -16.01 4.34
C ASN A 107 5.92 -16.72 5.45
N THR A 108 7.21 -16.44 5.59
CA THR A 108 7.94 -16.99 6.73
C THR A 108 7.38 -16.44 8.03
N ALA A 109 7.07 -15.14 8.06
CA ALA A 109 6.48 -14.55 9.25
C ALA A 109 5.15 -15.21 9.59
N MET A 110 4.31 -15.45 8.60
CA MET A 110 3.06 -16.18 8.83
C MET A 110 3.34 -17.56 9.45
N ASN A 111 4.33 -18.28 8.92
CA ASN A 111 4.60 -19.61 9.47
C ASN A 111 5.03 -19.54 10.92
N LYS A 112 5.74 -18.48 11.32
CA LYS A 112 6.10 -18.34 12.73
C LYS A 112 4.85 -18.07 13.59
N LEU A 113 3.90 -17.29 13.08
CA LEU A 113 2.65 -17.08 13.81
C LEU A 113 1.91 -18.39 13.98
N ILE A 114 1.79 -19.16 12.89
CA ILE A 114 1.12 -20.46 12.96
C ILE A 114 1.80 -21.36 13.99
N ALA A 115 3.13 -21.41 13.97
CA ALA A 115 3.85 -22.26 14.93
C ALA A 115 3.60 -21.82 16.36
N GLN A 116 3.54 -20.50 16.59
CA GLN A 116 3.27 -19.97 17.92
C GLN A 116 1.89 -20.40 18.42
N LEU A 117 0.96 -20.68 17.51
CA LEU A 117 -0.38 -21.13 17.86
C LEU A 117 -0.51 -22.64 17.88
N GLY A 118 0.58 -23.37 17.63
CA GLY A 118 0.56 -24.83 17.67
C GLY A 118 0.23 -25.50 16.36
N GLY A 119 0.24 -24.77 15.25
CA GLY A 119 -0.08 -25.33 13.96
C GLY A 119 -1.34 -24.73 13.40
N PRO A 120 -1.67 -25.08 12.15
CA PRO A 120 -2.87 -24.51 11.51
C PRO A 120 -4.13 -24.68 12.35
N GLY A 121 -4.29 -25.83 13.01
CA GLY A 121 -5.45 -26.05 13.83
C GLY A 121 -5.57 -25.11 15.02
N GLY A 122 -4.46 -24.54 15.48
CA GLY A 122 -4.52 -23.53 16.52
C GLY A 122 -5.13 -22.23 16.02
N VAL A 123 -4.93 -21.91 14.75
CA VAL A 123 -5.60 -20.75 14.18
C VAL A 123 -7.09 -21.01 14.07
N THR A 124 -7.46 -22.20 13.60
CA THR A 124 -8.88 -22.57 13.53
C THR A 124 -9.52 -22.55 14.91
N ALA A 125 -8.80 -23.04 15.92
CA ALA A 125 -9.37 -23.01 17.28
C ALA A 125 -9.66 -21.60 17.74
N PHE A 126 -8.76 -20.65 17.43
CA PHE A 126 -9.05 -19.27 17.78
C PHE A 126 -10.29 -18.76 17.07
N ALA A 127 -10.42 -19.07 15.77
CA ALA A 127 -11.61 -18.68 15.03
C ALA A 127 -12.88 -19.17 15.72
N ARG A 128 -12.88 -20.44 16.16
CA ARG A 128 -14.06 -20.97 16.83
C ARG A 128 -14.32 -20.24 18.13
N ALA A 129 -13.26 -19.90 18.86
CA ALA A 129 -13.42 -19.22 20.14
C ALA A 129 -14.05 -17.85 20.01
N ILE A 130 -13.96 -17.21 18.83
CA ILE A 130 -14.57 -15.91 18.63
C ILE A 130 -15.86 -16.00 17.82
N GLY A 131 -16.40 -17.20 17.64
CA GLY A 131 -17.70 -17.38 17.04
C GLY A 131 -17.70 -17.70 15.55
N ASP A 132 -16.54 -17.93 14.95
CA ASP A 132 -16.44 -18.24 13.52
C ASP A 132 -16.41 -19.75 13.38
N GLU A 133 -17.53 -20.32 12.94
CA GLU A 133 -17.66 -21.77 12.75
C GLU A 133 -17.32 -22.21 11.35
N THR A 134 -16.91 -21.29 10.48
CA THR A 134 -16.72 -21.54 9.06
C THR A 134 -15.25 -21.59 8.66
N PHE A 135 -14.44 -20.67 9.16
CA PHE A 135 -13.02 -20.60 8.85
C PHE A 135 -12.34 -21.93 9.13
N ARG A 136 -11.43 -22.33 8.23
CA ARG A 136 -10.54 -23.44 8.55
C ARG A 136 -9.18 -23.19 7.93
N LEU A 137 -8.13 -23.31 8.74
CA LEU A 137 -6.75 -23.33 8.27
C LEU A 137 -6.20 -24.73 8.47
N ASP A 138 -5.69 -25.30 7.39
CA ASP A 138 -5.25 -26.68 7.34
C ASP A 138 -3.78 -26.85 7.05
N ARG A 139 -3.13 -25.87 6.43
CA ARG A 139 -1.76 -26.00 6.00
C ARG A 139 -0.99 -24.73 6.34
N THR A 140 0.33 -24.83 6.23
CA THR A 140 1.23 -23.69 6.37
C THR A 140 1.49 -23.04 5.01
N GLU A 141 2.32 -21.99 5.03
CA GLU A 141 2.82 -21.40 3.79
C GLU A 141 3.95 -22.24 3.23
N PRO A 142 4.03 -22.41 1.91
CA PRO A 142 3.20 -21.76 0.88
C PRO A 142 2.01 -22.60 0.42
N THR A 143 1.87 -23.85 0.90
CA THR A 143 0.87 -24.72 0.28
C THR A 143 -0.56 -24.31 0.58
N LEU A 144 -0.80 -23.46 1.59
CA LEU A 144 -2.18 -23.03 1.81
C LEU A 144 -2.74 -22.20 0.66
N ASN A 145 -1.91 -21.81 -0.31
CA ASN A 145 -2.34 -21.01 -1.46
C ASN A 145 -2.61 -21.84 -2.71
N THR A 146 -2.68 -23.18 -2.62
CA THR A 146 -2.93 -23.96 -3.82
C THR A 146 -4.28 -23.65 -4.45
N ALA A 147 -5.29 -23.31 -3.63
CA ALA A 147 -6.55 -22.73 -4.10
C ALA A 147 -7.28 -23.61 -5.12
N ILE A 148 -7.21 -24.92 -4.95
CA ILE A 148 -7.78 -25.85 -5.93
C ILE A 148 -9.31 -25.77 -5.89
N PRO A 149 -10.00 -25.66 -7.02
CA PRO A 149 -11.47 -25.61 -6.98
C PRO A 149 -12.04 -26.84 -6.29
N GLY A 150 -13.00 -26.61 -5.40
CA GLY A 150 -13.66 -27.67 -4.67
C GLY A 150 -12.94 -28.15 -3.44
N ASP A 151 -11.69 -27.74 -3.22
CA ASP A 151 -10.91 -28.18 -2.07
C ASP A 151 -11.36 -27.38 -0.86
N PRO A 152 -11.81 -28.02 0.22
CA PRO A 152 -12.24 -27.26 1.40
C PRO A 152 -11.09 -26.73 2.25
N ARG A 153 -9.85 -27.17 2.03
CA ARG A 153 -8.77 -26.77 2.91
C ARG A 153 -8.51 -25.28 2.77
N ASP A 154 -8.28 -24.63 3.91
CA ASP A 154 -7.83 -23.23 3.90
C ASP A 154 -8.86 -22.31 3.25
N THR A 155 -10.13 -22.55 3.55
CA THR A 155 -11.23 -21.78 2.99
C THR A 155 -12.07 -21.15 4.09
N THR A 156 -12.85 -20.16 3.68
CA THR A 156 -13.98 -19.64 4.45
C THR A 156 -15.04 -19.14 3.49
N THR A 157 -16.10 -18.55 4.03
CA THR A 157 -17.11 -17.89 3.20
C THR A 157 -17.01 -16.38 3.37
N PRO A 158 -17.47 -15.61 2.38
CA PRO A 158 -17.46 -14.16 2.55
C PRO A 158 -18.25 -13.70 3.76
N ARG A 159 -19.43 -14.26 4.02
CA ARG A 159 -20.22 -13.86 5.17
C ARG A 159 -19.44 -14.08 6.47
N ALA A 160 -18.83 -15.25 6.62
CA ALA A 160 -18.13 -15.55 7.87
C ALA A 160 -16.95 -14.63 8.06
N MET A 161 -16.18 -14.37 7.01
CA MET A 161 -14.99 -13.55 7.16
CA MET A 161 -14.99 -13.55 7.16
C MET A 161 -15.35 -12.10 7.46
N ALA A 162 -16.44 -11.60 6.85
CA ALA A 162 -16.83 -10.23 7.14
C ALA A 162 -17.25 -10.09 8.60
N GLN A 163 -18.04 -11.04 9.10
CA GLN A 163 -18.45 -10.98 10.49
C GLN A 163 -17.24 -11.04 11.41
N THR A 164 -16.30 -11.93 11.12
CA THR A 164 -15.11 -12.06 11.97
C THR A 164 -14.26 -10.81 11.91
N LEU A 165 -14.03 -10.27 10.72
CA LEU A 165 -13.24 -9.05 10.63
C LEU A 165 -13.90 -7.91 11.41
N ARG A 166 -15.24 -7.82 11.35
CA ARG A 166 -15.93 -6.82 12.16
C ARG A 166 -15.65 -7.01 13.66
N GLN A 167 -15.79 -8.25 14.15
CA GLN A 167 -15.60 -8.50 15.57
C GLN A 167 -14.17 -8.18 16.01
N LEU A 168 -13.19 -8.50 15.16
CA LEU A 168 -11.79 -8.28 15.49
C LEU A 168 -11.42 -6.81 15.51
N THR A 169 -11.95 -6.02 14.57
CA THR A 169 -11.45 -4.66 14.39
C THR A 169 -12.35 -3.59 14.98
N LEU A 170 -13.66 -3.84 15.03
CA LEU A 170 -14.61 -2.87 15.54
C LEU A 170 -15.35 -3.36 16.76
N GLY A 171 -15.43 -4.67 16.97
CA GLY A 171 -16.07 -5.28 18.12
C GLY A 171 -15.10 -5.59 19.23
N HIS A 172 -15.46 -6.57 20.06
CA HIS A 172 -14.73 -6.85 21.30
C HIS A 172 -14.16 -8.27 21.35
N ALA A 173 -13.86 -8.85 20.19
CA ALA A 173 -13.18 -10.15 20.19
C ALA A 173 -11.78 -10.04 20.79
N LEU A 174 -11.12 -8.91 20.63
CA LEU A 174 -9.83 -8.62 21.23
C LEU A 174 -9.99 -7.54 22.29
N GLY A 175 -9.02 -7.48 23.21
CA GLY A 175 -8.95 -6.35 24.12
C GLY A 175 -8.71 -5.04 23.37
N GLU A 176 -8.98 -3.93 24.05
CA GLU A 176 -8.99 -2.64 23.35
C GLU A 176 -7.62 -2.31 22.76
N THR A 177 -6.54 -2.53 23.53
CA THR A 177 -5.22 -2.21 22.98
C THR A 177 -4.85 -3.13 21.83
N GLN A 178 -5.26 -4.40 21.92
CA GLN A 178 -4.99 -5.36 20.86
C GLN A 178 -5.80 -5.03 19.60
N ARG A 179 -7.07 -4.67 19.75
N ARG A 179 -7.04 -4.62 19.77
CA ARG A 179 -7.87 -4.26 18.62
CA ARG A 179 -7.89 -4.24 18.63
C ARG A 179 -7.25 -3.04 17.94
C ARG A 179 -7.28 -3.02 17.93
N ALA A 180 -6.81 -2.06 18.73
CA ALA A 180 -6.18 -0.88 18.15
C ALA A 180 -4.90 -1.24 17.40
N GLN A 181 -4.11 -2.17 17.96
CA GLN A 181 -2.90 -2.61 17.28
C GLN A 181 -3.22 -3.28 15.95
N LEU A 182 -4.24 -4.13 15.92
CA LEU A 182 -4.62 -4.78 14.67
C LEU A 182 -5.05 -3.75 13.63
N VAL A 183 -5.86 -2.77 14.05
CA VAL A 183 -6.29 -1.72 13.13
C VAL A 183 -5.10 -0.93 12.60
N THR A 184 -4.16 -0.56 13.48
CA THR A 184 -2.96 0.15 13.04
C THR A 184 -2.21 -0.67 11.99
N TRP A 185 -2.04 -1.98 12.23
CA TRP A 185 -1.32 -2.81 11.27
C TRP A 185 -2.04 -2.84 9.91
N LEU A 186 -3.36 -3.06 9.92
CA LEU A 186 -4.11 -3.12 8.67
C LEU A 186 -4.05 -1.81 7.91
N LYS A 187 -4.17 -0.68 8.61
CA LYS A 187 -4.10 0.63 7.96
C LYS A 187 -2.74 0.88 7.33
N GLY A 188 -1.68 0.28 7.86
CA GLY A 188 -0.35 0.39 7.31
C GLY A 188 0.01 -0.65 6.26
N ASN A 189 -0.96 -1.42 5.76
CA ASN A 189 -0.66 -2.38 4.71
C ASN A 189 -0.04 -1.69 3.50
N THR A 190 0.96 -2.35 2.90
CA THR A 190 1.62 -1.82 1.70
C THR A 190 1.06 -2.39 0.39
N THR A 191 0.25 -3.44 0.44
CA THR A 191 -0.06 -4.22 -0.75
C THR A 191 -1.44 -3.96 -1.34
N GLY A 192 -2.22 -3.02 -0.80
CA GLY A 192 -3.64 -3.00 -1.10
C GLY A 192 -4.18 -1.96 -2.07
N ALA A 193 -3.37 -1.06 -2.61
CA ALA A 193 -3.91 0.08 -3.35
C ALA A 193 -4.60 -0.31 -4.66
N ALA A 194 -4.33 -1.48 -5.21
CA ALA A 194 -4.96 -1.89 -6.46
C ALA A 194 -6.23 -2.70 -6.26
N SER A 195 -6.60 -3.00 -5.02
CA SER A 195 -7.67 -3.94 -4.71
C SER A 195 -8.90 -3.17 -4.25
N ILE A 196 -9.48 -3.47 -3.08
CA ILE A 196 -10.69 -2.77 -2.64
C ILE A 196 -10.50 -1.27 -2.70
N ARG A 197 -9.35 -0.77 -2.23
CA ARG A 197 -9.08 0.67 -2.18
C ARG A 197 -9.28 1.34 -3.53
N ALA A 198 -8.93 0.65 -4.61
CA ALA A 198 -8.99 1.25 -5.94
C ALA A 198 -10.41 1.47 -6.42
N GLY A 199 -11.40 0.85 -5.77
CA GLY A 199 -12.78 1.07 -6.12
C GLY A 199 -13.52 2.06 -5.27
N LEU A 200 -12.88 2.65 -4.25
CA LEU A 200 -13.53 3.52 -3.31
C LEU A 200 -13.09 4.97 -3.50
N PRO A 201 -13.92 5.93 -3.08
CA PRO A 201 -13.48 7.33 -3.14
C PRO A 201 -12.16 7.52 -2.40
N THR A 202 -11.30 8.36 -2.97
CA THR A 202 -9.92 8.43 -2.49
C THR A 202 -9.79 9.06 -1.10
N SER A 203 -10.80 9.79 -0.65
CA SER A 203 -10.75 10.41 0.67
C SER A 203 -10.99 9.42 1.81
N TRP A 204 -11.50 8.23 1.52
CA TRP A 204 -11.85 7.26 2.55
C TRP A 204 -10.60 6.57 3.09
N THR A 205 -10.62 6.25 4.38
CA THR A 205 -9.52 5.53 5.02
C THR A 205 -9.82 4.04 5.04
N VAL A 206 -8.80 3.24 4.70
CA VAL A 206 -8.95 1.78 4.55
C VAL A 206 -7.81 1.09 5.28
N GLY A 207 -8.14 0.00 5.96
CA GLY A 207 -7.14 -0.99 6.36
C GLY A 207 -7.53 -2.30 5.73
N ASP A 208 -6.56 -3.00 5.16
CA ASP A 208 -6.92 -4.20 4.41
C ASP A 208 -5.82 -5.23 4.47
N LYS A 209 -6.17 -6.47 4.09
CA LYS A 209 -5.21 -7.55 3.87
C LYS A 209 -5.56 -8.24 2.56
N THR A 210 -4.60 -8.30 1.64
CA THR A 210 -4.75 -8.93 0.35
C THR A 210 -4.38 -10.41 0.42
N GLY A 211 -4.76 -11.14 -0.61
CA GLY A 211 -4.28 -12.49 -0.80
C GLY A 211 -4.22 -12.82 -2.27
N SER A 212 -3.31 -13.73 -2.62
CA SER A 212 -3.24 -14.24 -3.98
C SER A 212 -2.75 -15.68 -3.93
N GLY A 213 -3.21 -16.47 -4.90
CA GLY A 213 -2.87 -17.87 -4.94
C GLY A 213 -2.96 -18.41 -6.36
N ASP A 214 -2.80 -19.72 -6.48
CA ASP A 214 -3.03 -20.38 -7.75
C ASP A 214 -4.50 -20.22 -8.15
N TYR A 215 -4.83 -20.68 -9.37
CA TYR A 215 -6.15 -20.47 -9.95
C TYR A 215 -6.52 -19.00 -10.04
N GLY A 216 -5.50 -18.15 -10.21
CA GLY A 216 -5.74 -16.72 -10.31
C GLY A 216 -6.50 -16.15 -9.13
N THR A 217 -6.34 -16.75 -7.96
CA THR A 217 -7.12 -16.35 -6.80
C THR A 217 -6.63 -14.99 -6.33
N THR A 218 -7.57 -14.06 -6.19
CA THR A 218 -7.26 -12.66 -5.91
C THR A 218 -8.27 -12.21 -4.85
N ASN A 219 -7.77 -11.86 -3.67
CA ASN A 219 -8.63 -11.63 -2.51
C ASN A 219 -8.25 -10.34 -1.81
N ASP A 220 -9.21 -9.77 -1.07
CA ASP A 220 -8.95 -8.63 -0.22
C ASP A 220 -10.03 -8.58 0.85
N ILE A 221 -9.64 -8.27 2.08
CA ILE A 221 -10.59 -8.04 3.17
C ILE A 221 -10.24 -6.71 3.82
N ALA A 222 -11.25 -5.87 4.08
CA ALA A 222 -10.98 -4.49 4.44
C ALA A 222 -11.95 -3.99 5.50
N VAL A 223 -11.47 -3.09 6.35
CA VAL A 223 -12.31 -2.22 7.14
C VAL A 223 -12.14 -0.83 6.56
N ILE A 224 -13.27 -0.15 6.35
CA ILE A 224 -13.31 1.10 5.60
C ILE A 224 -13.97 2.15 6.47
N TRP A 225 -13.36 3.33 6.53
CA TRP A 225 -13.93 4.48 7.24
C TRP A 225 -14.29 5.52 6.19
N PRO A 226 -15.52 5.49 5.67
CA PRO A 226 -15.90 6.47 4.64
C PRO A 226 -16.02 7.86 5.23
N GLN A 227 -15.92 8.85 4.35
CA GLN A 227 -16.15 10.24 4.75
C GLN A 227 -17.58 10.39 5.25
N GLY A 228 -17.71 10.81 6.51
CA GLY A 228 -19.00 11.13 7.07
C GLY A 228 -19.90 9.96 7.37
N ARG A 229 -19.38 8.73 7.37
CA ARG A 229 -20.19 7.53 7.58
C ARG A 229 -19.54 6.61 8.60
N ALA A 230 -20.38 5.81 9.26
CA ALA A 230 -19.88 4.76 10.14
C ALA A 230 -19.10 3.74 9.30
N PRO A 231 -18.17 3.01 9.90
CA PRO A 231 -17.30 2.12 9.12
C PRO A 231 -18.06 0.98 8.45
N LEU A 232 -17.44 0.51 7.35
CA LEU A 232 -17.88 -0.66 6.63
C LEU A 232 -16.82 -1.76 6.77
N VAL A 233 -17.28 -3.01 6.70
CA VAL A 233 -16.40 -4.15 6.55
C VAL A 233 -16.74 -4.78 5.21
N LEU A 234 -15.71 -5.05 4.41
CA LEU A 234 -15.94 -5.57 3.06
C LEU A 234 -14.94 -6.67 2.74
N VAL A 235 -15.47 -7.80 2.28
N VAL A 235 -15.45 -7.82 2.29
CA VAL A 235 -14.68 -8.95 1.84
CA VAL A 235 -14.60 -8.91 1.84
C VAL A 235 -14.95 -9.14 0.35
C VAL A 235 -14.93 -9.21 0.39
N THR A 236 -13.89 -9.28 -0.44
CA THR A 236 -14.02 -9.59 -1.86
C THR A 236 -13.06 -10.72 -2.19
N TYR A 237 -13.61 -11.84 -2.61
CA TYR A 237 -12.85 -13.04 -2.96
C TYR A 237 -13.10 -13.36 -4.42
N PHE A 238 -12.05 -13.80 -5.14
CA PHE A 238 -12.20 -14.07 -6.55
C PHE A 238 -11.28 -15.22 -6.95
N THR A 239 -11.80 -16.16 -7.73
CA THR A 239 -11.00 -17.33 -8.13
C THR A 239 -11.44 -17.78 -9.52
N GLN A 240 -10.53 -18.42 -10.24
CA GLN A 240 -10.67 -18.65 -11.67
C GLN A 240 -10.47 -20.13 -12.00
N PRO A 241 -10.92 -20.57 -13.19
CA PRO A 241 -10.94 -22.02 -13.44
C PRO A 241 -9.61 -22.66 -13.77
N GLN A 242 -8.61 -21.90 -14.23
CA GLN A 242 -7.34 -22.46 -14.67
C GLN A 242 -6.24 -22.18 -13.65
N GLN A 243 -5.41 -23.19 -13.40
CA GLN A 243 -4.41 -23.10 -12.34
C GLN A 243 -3.47 -21.92 -12.54
N ASN A 244 -3.14 -21.60 -13.79
N ASN A 244 -3.13 -21.60 -13.78
CA ASN A 244 -2.16 -20.57 -14.10
CA ASN A 244 -2.15 -20.57 -14.08
C ASN A 244 -2.78 -19.22 -14.42
C ASN A 244 -2.78 -19.22 -14.42
N ALA A 245 -4.04 -19.01 -14.05
CA ALA A 245 -4.72 -17.75 -14.36
C ALA A 245 -4.01 -16.56 -13.71
N GLU A 246 -4.10 -15.41 -14.36
CA GLU A 246 -3.44 -14.20 -13.85
C GLU A 246 -4.29 -13.53 -12.76
N SER A 247 -3.62 -12.74 -11.94
CA SER A 247 -4.29 -11.98 -10.88
C SER A 247 -5.25 -10.97 -11.49
N ARG A 248 -6.38 -10.72 -10.81
CA ARG A 248 -7.39 -9.78 -11.27
C ARG A 248 -7.81 -8.83 -10.14
N ARG A 249 -6.86 -8.03 -9.66
CA ARG A 249 -7.20 -7.08 -8.60
C ARG A 249 -8.23 -6.06 -9.06
N ASP A 250 -8.27 -5.77 -10.37
CA ASP A 250 -9.27 -4.85 -10.91
C ASP A 250 -10.69 -5.34 -10.66
N VAL A 251 -10.88 -6.66 -10.62
CA VAL A 251 -12.21 -7.20 -10.35
C VAL A 251 -12.63 -6.87 -8.92
N LEU A 252 -11.70 -6.93 -7.97
CA LEU A 252 -12.00 -6.57 -6.59
C LEU A 252 -12.31 -5.07 -6.49
N ALA A 253 -11.55 -4.25 -7.20
CA ALA A 253 -11.84 -2.81 -7.22
C ALA A 253 -13.24 -2.54 -7.78
N SER A 254 -13.62 -3.25 -8.85
CA SER A 254 -14.94 -3.08 -9.45
C SER A 254 -16.03 -3.49 -8.49
N ALA A 255 -15.82 -4.58 -7.76
CA ALA A 255 -16.80 -5.00 -6.78
C ALA A 255 -16.96 -3.95 -5.68
N ALA A 256 -15.85 -3.40 -5.20
CA ALA A 256 -15.92 -2.37 -4.17
C ALA A 256 -16.64 -1.12 -4.68
N ARG A 257 -16.39 -0.75 -5.94
N ARG A 257 -16.40 -0.76 -5.93
CA ARG A 257 -17.04 0.42 -6.51
CA ARG A 257 -17.04 0.41 -6.52
C ARG A 257 -18.55 0.24 -6.59
C ARG A 257 -18.56 0.22 -6.56
N ILE A 258 -18.99 -0.95 -7.02
CA ILE A 258 -20.42 -1.26 -7.03
C ILE A 258 -21.01 -1.15 -5.62
N ILE A 259 -20.30 -1.70 -4.63
CA ILE A 259 -20.77 -1.61 -3.24
C ILE A 259 -20.88 -0.15 -2.80
N ALA A 260 -19.86 0.65 -3.10
CA ALA A 260 -19.85 2.04 -2.66
C ALA A 260 -20.94 2.86 -3.32
N GLU A 261 -21.21 2.60 -4.61
CA GLU A 261 -22.28 3.32 -5.30
C GLU A 261 -23.67 2.91 -4.80
N GLY A 262 -23.79 1.74 -4.17
CA GLY A 262 -25.05 1.25 -3.66
C GLY A 262 -25.43 1.73 -2.27
N LEU A 263 -24.51 2.36 -1.55
CA LEU A 263 -24.82 2.91 -0.25
C LEU A 263 -25.77 4.10 -0.39
N ALA B 4 13.83 -0.49 -29.17
CA ALA B 4 12.64 -1.28 -28.84
C ALA B 4 11.83 -0.60 -27.74
N VAL B 5 12.51 -0.25 -26.64
CA VAL B 5 11.82 0.34 -25.50
C VAL B 5 11.20 1.69 -25.88
N GLN B 6 11.88 2.46 -26.73
CA GLN B 6 11.36 3.77 -27.11
C GLN B 6 10.05 3.63 -27.90
N GLN B 7 10.01 2.70 -28.85
CA GLN B 7 8.76 2.46 -29.58
C GLN B 7 7.62 2.12 -28.64
N LYS B 8 7.90 1.25 -27.67
CA LYS B 8 6.83 0.77 -26.79
C LYS B 8 6.32 1.88 -25.89
N LEU B 9 7.22 2.72 -25.37
CA LEU B 9 6.77 3.81 -24.51
C LEU B 9 5.99 4.86 -25.31
N ALA B 10 6.45 5.19 -26.52
CA ALA B 10 5.69 6.13 -27.35
C ALA B 10 4.30 5.58 -27.67
N ALA B 11 4.20 4.27 -27.95
CA ALA B 11 2.90 3.68 -28.24
C ALA B 11 2.00 3.70 -27.02
N LEU B 12 2.54 3.40 -25.85
CA LEU B 12 1.74 3.48 -24.62
C LEU B 12 1.23 4.90 -24.44
N GLU B 13 2.09 5.90 -24.61
CA GLU B 13 1.64 7.28 -24.47
C GLU B 13 0.53 7.62 -25.47
N LYS B 14 0.70 7.21 -26.73
CA LYS B 14 -0.35 7.50 -27.72
C LYS B 14 -1.68 6.86 -27.33
N SER B 15 -1.63 5.59 -26.90
CA SER B 15 -2.85 4.92 -26.48
CA SER B 15 -2.85 4.92 -26.47
C SER B 15 -3.49 5.65 -25.29
N SER B 16 -2.66 6.14 -24.37
CA SER B 16 -3.16 6.78 -23.16
C SER B 16 -3.82 8.13 -23.41
N GLY B 17 -3.50 8.79 -24.54
CA GLY B 17 -4.01 10.11 -24.82
C GLY B 17 -3.32 11.26 -24.10
N GLY B 18 -2.36 10.98 -23.23
CA GLY B 18 -1.74 12.03 -22.43
C GLY B 18 -0.28 12.24 -22.73
N ARG B 19 0.47 12.72 -21.73
CA ARG B 19 1.88 13.03 -21.86
C ARG B 19 2.63 12.28 -20.76
N LEU B 20 3.56 11.43 -21.18
CA LEU B 20 4.24 10.48 -20.30
C LEU B 20 5.72 10.84 -20.20
N GLY B 21 6.25 10.84 -18.97
CA GLY B 21 7.68 11.06 -18.76
C GLY B 21 8.26 9.92 -17.95
N VAL B 22 9.38 9.35 -18.43
CA VAL B 22 10.00 8.21 -17.80
C VAL B 22 11.49 8.46 -17.68
N ALA B 23 12.06 8.13 -16.52
CA ALA B 23 13.51 8.06 -16.39
C ALA B 23 13.86 6.87 -15.52
N LEU B 24 14.66 5.97 -16.07
CA LEU B 24 15.20 4.83 -15.35
C LEU B 24 16.71 5.00 -15.20
N ILE B 25 17.24 4.66 -14.02
CA ILE B 25 18.66 4.46 -13.83
C ILE B 25 18.83 3.02 -13.34
N ASP B 26 19.58 2.22 -14.09
CA ASP B 26 19.93 0.88 -13.64
C ASP B 26 21.30 0.98 -12.97
N THR B 27 21.34 0.83 -11.65
CA THR B 27 22.62 0.99 -10.94
C THR B 27 23.56 -0.19 -11.11
N ALA B 28 23.14 -1.27 -11.77
CA ALA B 28 24.08 -2.34 -12.04
C ALA B 28 25.16 -1.91 -13.01
N ASP B 29 24.84 -1.01 -13.94
CA ASP B 29 25.78 -0.59 -14.96
C ASP B 29 25.64 0.88 -15.33
N ASN B 30 24.84 1.65 -14.59
CA ASN B 30 24.60 3.07 -14.82
C ASN B 30 23.93 3.37 -16.16
N THR B 31 23.27 2.39 -16.76
CA THR B 31 22.52 2.67 -17.98
C THR B 31 21.20 3.35 -17.64
N GLN B 32 20.61 3.98 -18.66
CA GLN B 32 19.43 4.80 -18.49
C GLN B 32 18.46 4.56 -19.62
N VAL B 33 17.18 4.73 -19.31
CA VAL B 33 16.13 4.80 -20.30
C VAL B 33 15.35 6.07 -20.02
N LEU B 34 15.18 6.92 -21.03
CA LEU B 34 14.52 8.19 -20.87
C LEU B 34 13.45 8.36 -21.93
N TYR B 35 12.30 8.89 -21.53
CA TYR B 35 11.23 9.25 -22.45
C TYR B 35 10.66 10.57 -21.95
N ARG B 36 10.76 11.62 -22.77
CA ARG B 36 10.45 12.98 -22.32
C ARG B 36 11.21 13.30 -21.03
N GLY B 37 12.43 12.78 -20.94
CA GLY B 37 13.20 12.86 -19.71
C GLY B 37 13.60 14.26 -19.30
N ASP B 38 13.61 15.22 -20.23
CA ASP B 38 13.98 16.58 -19.94
C ASP B 38 12.80 17.55 -19.98
N GLU B 39 11.58 17.04 -20.10
CA GLU B 39 10.40 17.90 -20.02
C GLU B 39 9.97 18.06 -18.57
N ARG B 40 9.42 19.21 -18.25
CA ARG B 40 8.89 19.45 -16.92
C ARG B 40 7.50 18.83 -16.78
N PHE B 41 7.26 18.28 -15.59
CA PHE B 41 5.97 17.68 -15.22
C PHE B 41 5.63 18.16 -13.82
N PRO B 42 4.35 18.36 -13.53
CA PRO B 42 3.93 18.67 -12.16
C PRO B 42 4.22 17.47 -11.25
N MET B 43 4.97 17.72 -10.18
CA MET B 43 5.38 16.64 -9.27
C MET B 43 4.23 16.13 -8.41
N CYS B 44 3.29 17.00 -8.05
CA CYS B 44 2.27 16.71 -7.06
C CYS B 44 2.93 16.09 -5.82
N SER B 45 2.35 15.04 -5.25
CA SER B 45 2.83 14.54 -3.96
C SER B 45 4.17 13.82 -4.05
N THR B 46 4.73 13.57 -5.24
CA THR B 46 6.09 13.06 -5.25
C THR B 46 7.08 14.05 -4.66
N SER B 47 6.73 15.34 -4.61
CA SER B 47 7.58 16.34 -3.97
C SER B 47 7.69 16.14 -2.45
N LYS B 48 6.83 15.31 -1.85
CA LYS B 48 6.94 15.02 -0.42
C LYS B 48 8.25 14.33 -0.09
N VAL B 49 8.83 13.59 -1.04
CA VAL B 49 10.14 12.98 -0.81
C VAL B 49 11.19 14.05 -0.55
N MET B 50 11.21 15.11 -1.36
N MET B 50 11.20 15.12 -1.36
CA MET B 50 12.21 16.17 -1.18
CA MET B 50 12.19 16.17 -1.18
C MET B 50 12.01 16.89 0.14
C MET B 50 12.00 16.91 0.14
N ALA B 51 10.75 17.14 0.54
CA ALA B 51 10.51 17.82 1.80
C ALA B 51 10.95 16.96 2.98
N ALA B 52 10.57 15.67 2.98
CA ALA B 52 11.01 14.79 4.07
C ALA B 52 12.53 14.67 4.10
N ALA B 53 13.16 14.54 2.93
CA ALA B 53 14.61 14.43 2.88
C ALA B 53 15.29 15.70 3.41
N ALA B 54 14.68 16.87 3.14
CA ALA B 54 15.27 18.12 3.61
C ALA B 54 15.24 18.21 5.13
N VAL B 55 14.14 17.74 5.74
CA VAL B 55 14.07 17.69 7.20
C VAL B 55 15.07 16.68 7.77
N LEU B 56 15.21 15.52 7.11
CA LEU B 56 16.25 14.57 7.52
C LEU B 56 17.62 15.20 7.48
N LYS B 57 17.92 15.96 6.42
CA LYS B 57 19.22 16.63 6.37
C LYS B 57 19.38 17.61 7.53
N GLN B 58 18.32 18.36 7.86
CA GLN B 58 18.40 19.26 9.01
C GLN B 58 18.71 18.49 10.29
N SER B 59 18.13 17.29 10.45
CA SER B 59 18.34 16.53 11.68
C SER B 59 19.76 15.97 11.80
N GLU B 60 20.57 16.05 10.74
CA GLU B 60 21.98 15.66 10.86
C GLU B 60 22.76 16.60 11.78
N THR B 61 22.33 17.85 11.91
CA THR B 61 23.01 18.80 12.78
C THR B 61 22.15 19.28 13.94
N GLN B 62 20.82 19.27 13.81
CA GLN B 62 19.88 19.49 14.92
C GLN B 62 19.44 18.10 15.37
N LYS B 63 20.19 17.53 16.32
CA LYS B 63 20.17 16.08 16.53
C LYS B 63 18.85 15.56 17.09
N GLN B 64 18.08 16.38 17.80
CA GLN B 64 16.79 15.95 18.32
C GLN B 64 15.62 16.49 17.52
N LEU B 65 15.87 17.00 16.31
CA LEU B 65 14.84 17.71 15.56
C LEU B 65 13.65 16.79 15.26
N LEU B 66 13.91 15.53 14.93
CA LEU B 66 12.81 14.65 14.54
C LEU B 66 11.84 14.36 15.68
N ASN B 67 12.25 14.58 16.93
CA ASN B 67 11.37 14.37 18.08
C ASN B 67 10.64 15.65 18.50
N GLN B 68 10.85 16.75 17.80
CA GLN B 68 10.27 18.03 18.19
C GLN B 68 8.77 18.02 17.96
N PRO B 69 7.95 18.34 18.96
CA PRO B 69 6.50 18.40 18.76
C PRO B 69 6.11 19.60 17.91
N VAL B 70 5.10 19.38 17.06
CA VAL B 70 4.54 20.41 16.20
C VAL B 70 3.04 20.45 16.43
N GLU B 71 2.52 21.64 16.68
CA GLU B 71 1.09 21.77 16.96
C GLU B 71 0.26 21.57 15.69
N ILE B 72 -0.82 20.81 15.82
CA ILE B 72 -1.81 20.65 14.77
C ILE B 72 -3.08 21.36 15.21
N LYS B 73 -3.43 22.44 14.52
CA LYS B 73 -4.64 23.19 14.86
C LYS B 73 -5.74 22.87 13.85
N PRO B 74 -7.00 23.04 14.26
CA PRO B 74 -8.10 22.78 13.33
C PRO B 74 -7.97 23.58 12.02
N ALA B 75 -7.49 24.82 12.10
CA ALA B 75 -7.33 25.63 10.89
C ALA B 75 -6.18 25.15 10.00
N ASP B 76 -5.34 24.23 10.49
CA ASP B 76 -4.25 23.70 9.67
C ASP B 76 -4.70 22.62 8.72
N LEU B 77 -5.84 21.99 8.98
CA LEU B 77 -6.27 20.88 8.15
C LEU B 77 -6.61 21.38 6.76
N VAL B 78 -6.17 20.63 5.75
CA VAL B 78 -6.52 20.98 4.38
C VAL B 78 -7.47 19.92 3.81
N ASN B 79 -7.19 19.42 2.60
CA ASN B 79 -8.16 18.59 1.89
C ASN B 79 -8.01 17.10 2.13
N TYR B 80 -6.84 16.63 2.58
CA TYR B 80 -6.62 15.20 2.78
C TYR B 80 -5.64 15.05 3.92
N ASN B 81 -6.14 14.63 5.09
CA ASN B 81 -5.39 14.68 6.34
C ASN B 81 -5.64 13.40 7.13
N PRO B 82 -5.38 12.23 6.54
CA PRO B 82 -5.76 10.97 7.22
C PRO B 82 -5.09 10.76 8.56
N ILE B 83 -3.86 11.24 8.75
CA ILE B 83 -3.16 11.11 10.02
C ILE B 83 -3.34 12.35 10.89
N ALA B 84 -3.14 13.53 10.30
CA ALA B 84 -3.15 14.75 11.10
C ALA B 84 -4.50 15.02 11.76
N GLU B 85 -5.60 14.63 11.13
CA GLU B 85 -6.92 14.88 11.71
C GLU B 85 -7.10 14.20 13.07
N LYS B 86 -6.36 13.12 13.30
CA LYS B 86 -6.45 12.43 14.57
C LYS B 86 -5.71 13.14 15.69
N HIS B 87 -4.84 14.09 15.34
CA HIS B 87 -4.03 14.80 16.31
C HIS B 87 -4.36 16.28 16.38
N VAL B 88 -5.49 16.70 15.80
N VAL B 88 -5.48 16.70 15.80
CA VAL B 88 -5.92 18.09 15.92
CA VAL B 88 -5.89 18.10 15.92
C VAL B 88 -6.10 18.46 17.38
C VAL B 88 -6.07 18.46 17.38
N ASN B 89 -5.74 19.71 17.71
CA ASN B 89 -5.70 20.20 19.08
C ASN B 89 -4.70 19.43 19.94
N GLY B 90 -3.71 18.83 19.27
CA GLY B 90 -2.59 18.17 19.91
C GLY B 90 -1.34 18.40 19.10
N THR B 91 -0.38 17.48 19.20
CA THR B 91 0.89 17.65 18.49
C THR B 91 1.27 16.35 17.79
N MET B 92 2.15 16.49 16.79
CA MET B 92 2.86 15.39 16.16
C MET B 92 4.32 15.79 16.07
N THR B 93 5.21 14.80 16.12
CA THR B 93 6.63 15.11 15.95
C THR B 93 6.97 15.19 14.46
N LEU B 94 8.13 15.81 14.17
CA LEU B 94 8.55 15.90 12.79
C LEU B 94 8.79 14.54 12.16
N ALA B 95 9.25 13.55 12.94
CA ALA B 95 9.33 12.19 12.42
C ALA B 95 7.95 11.65 12.07
N GLU B 96 6.96 11.88 12.94
CA GLU B 96 5.60 11.41 12.67
C GLU B 96 5.00 12.10 11.46
N LEU B 97 5.29 13.39 11.30
CA LEU B 97 4.80 14.12 10.13
C LEU B 97 5.46 13.64 8.85
N SER B 98 6.76 13.36 8.91
CA SER B 98 7.47 12.83 7.75
C SER B 98 6.89 11.48 7.32
N ALA B 99 6.67 10.59 8.29
CA ALA B 99 6.08 9.29 7.98
C ALA B 99 4.67 9.43 7.43
N ALA B 100 3.87 10.34 8.00
CA ALA B 100 2.51 10.54 7.50
C ALA B 100 2.52 11.07 6.07
N ALA B 101 3.39 12.05 5.79
CA ALA B 101 3.48 12.61 4.45
C ALA B 101 3.89 11.55 3.43
N LEU B 102 4.90 10.75 3.78
CA LEU B 102 5.44 9.80 2.81
C LEU B 102 4.55 8.58 2.65
N GLN B 103 4.08 7.99 3.75
CA GLN B 103 3.43 6.68 3.69
C GLN B 103 1.92 6.75 3.50
N TYR B 104 1.31 7.89 3.88
CA TYR B 104 -0.13 8.09 3.74
C TYR B 104 -0.44 9.27 2.83
N SER B 105 0.57 10.03 2.40
CA SER B 105 0.37 11.18 1.53
C SER B 105 -0.48 12.26 2.20
N ASP B 106 -0.33 12.41 3.51
CA ASP B 106 -1.05 13.42 4.29
C ASP B 106 -0.60 14.82 3.90
N ASN B 107 -1.55 15.66 3.47
CA ASN B 107 -1.23 17.00 2.98
C ASN B 107 -0.98 17.98 4.11
N THR B 108 -1.67 17.83 5.26
CA THR B 108 -1.34 18.67 6.41
C THR B 108 0.08 18.39 6.89
N ALA B 109 0.46 17.10 6.91
CA ALA B 109 1.82 16.75 7.30
C ALA B 109 2.84 17.37 6.37
N MET B 110 2.61 17.29 5.06
CA MET B 110 3.49 17.96 4.10
C MET B 110 3.61 19.46 4.40
N ASN B 111 2.49 20.11 4.70
CA ASN B 111 2.56 21.55 4.99
C ASN B 111 3.41 21.83 6.22
N LYS B 112 3.39 20.95 7.21
CA LYS B 112 4.25 21.14 8.38
C LYS B 112 5.72 20.97 8.01
N LEU B 113 6.04 20.04 7.11
CA LEU B 113 7.43 19.89 6.67
C LEU B 113 7.88 21.14 5.94
N ILE B 114 7.04 21.65 5.04
CA ILE B 114 7.36 22.87 4.31
C ILE B 114 7.57 24.02 5.28
N ALA B 115 6.70 24.15 6.28
CA ALA B 115 6.86 25.24 7.24
C ALA B 115 8.16 25.11 8.03
N GLN B 116 8.54 23.88 8.41
CA GLN B 116 9.80 23.67 9.12
C GLN B 116 11.00 24.14 8.30
N LEU B 117 10.91 24.05 6.98
CA LEU B 117 11.99 24.45 6.08
C LEU B 117 11.91 25.91 5.67
N GLY B 118 10.95 26.65 6.21
CA GLY B 118 10.83 28.07 5.95
C GLY B 118 9.97 28.43 4.76
N GLY B 119 9.21 27.48 4.23
CA GLY B 119 8.39 27.73 3.07
C GLY B 119 8.86 26.89 1.90
N PRO B 120 8.11 26.91 0.80
CA PRO B 120 8.48 26.09 -0.36
C PRO B 120 9.90 26.34 -0.85
N GLY B 121 10.36 27.60 -0.79
CA GLY B 121 11.72 27.90 -1.19
C GLY B 121 12.78 27.16 -0.39
N GLY B 122 12.48 26.82 0.87
CA GLY B 122 13.41 26.04 1.65
C GLY B 122 13.58 24.61 1.14
N VAL B 123 12.52 24.04 0.56
CA VAL B 123 12.65 22.74 -0.10
C VAL B 123 13.50 22.87 -1.35
N THR B 124 13.26 23.91 -2.15
CA THR B 124 14.07 24.14 -3.34
C THR B 124 15.53 24.36 -2.97
N ALA B 125 15.78 25.08 -1.87
CA ALA B 125 17.15 25.30 -1.42
C ALA B 125 17.85 23.99 -1.09
N PHE B 126 17.14 23.05 -0.46
CA PHE B 126 17.74 21.74 -0.21
C PHE B 126 18.07 21.03 -1.51
N ALA B 127 17.16 21.06 -2.48
CA ALA B 127 17.45 20.48 -3.79
C ALA B 127 18.74 21.04 -4.37
N ARG B 128 18.89 22.38 -4.35
CA ARG B 128 20.12 22.97 -4.86
C ARG B 128 21.34 22.49 -4.09
N ALA B 129 21.21 22.34 -2.77
CA ALA B 129 22.36 21.92 -1.96
C ALA B 129 22.82 20.52 -2.29
N ILE B 130 21.95 19.65 -2.81
CA ILE B 130 22.34 18.30 -3.17
C ILE B 130 22.58 18.15 -4.66
N GLY B 131 22.63 19.26 -5.40
CA GLY B 131 23.03 19.24 -6.79
C GLY B 131 21.89 19.17 -7.78
N ASP B 132 20.65 19.31 -7.35
CA ASP B 132 19.50 19.29 -8.24
C ASP B 132 19.16 20.75 -8.59
N GLU B 133 19.48 21.14 -9.83
CA GLU B 133 19.25 22.49 -10.32
C GLU B 133 17.92 22.66 -11.04
N THR B 134 17.11 21.61 -11.08
CA THR B 134 15.88 21.58 -11.88
C THR B 134 14.62 21.64 -11.03
N PHE B 135 14.58 20.88 -9.95
CA PHE B 135 13.45 20.85 -9.02
C PHE B 135 13.07 22.26 -8.57
N ARG B 136 11.76 22.52 -8.48
CA ARG B 136 11.30 23.73 -7.79
C ARG B 136 9.98 23.44 -7.10
N LEU B 137 9.90 23.83 -5.84
CA LEU B 137 8.65 23.85 -5.10
C LEU B 137 8.28 25.31 -4.86
N ASP B 138 7.06 25.66 -5.25
CA ASP B 138 6.58 27.04 -5.23
C ASP B 138 5.40 27.27 -4.30
N ARG B 139 4.60 26.23 -4.04
CA ARG B 139 3.35 26.37 -3.31
C ARG B 139 3.24 25.30 -2.24
N THR B 140 2.28 25.49 -1.34
CA THR B 140 1.92 24.53 -0.32
C THR B 140 0.79 23.62 -0.81
N GLU B 141 0.37 22.68 0.05
CA GLU B 141 -0.82 21.88 -0.23
C GLU B 141 -2.06 22.68 0.11
N PRO B 142 -3.12 22.60 -0.70
CA PRO B 142 -3.30 21.72 -1.87
C PRO B 142 -2.96 22.33 -3.22
N THR B 143 -2.61 23.62 -3.28
CA THR B 143 -2.49 24.27 -4.59
C THR B 143 -1.30 23.78 -5.41
N LEU B 144 -0.30 23.13 -4.80
CA LEU B 144 0.80 22.64 -5.63
C LEU B 144 0.37 21.56 -6.62
N ASN B 145 -0.87 21.07 -6.55
CA ASN B 145 -1.35 20.01 -7.42
C ASN B 145 -2.22 20.50 -8.59
N THR B 146 -2.22 21.81 -8.88
CA THR B 146 -3.07 22.30 -9.97
C THR B 146 -2.65 21.77 -11.34
N ALA B 147 -1.36 21.52 -11.54
CA ALA B 147 -0.86 20.80 -12.72
C ALA B 147 -1.29 21.45 -14.04
N ILE B 148 -1.29 22.78 -14.07
CA ILE B 148 -1.75 23.49 -15.27
C ILE B 148 -0.72 23.34 -16.38
N PRO B 149 -1.12 22.94 -17.59
CA PRO B 149 -0.13 22.74 -18.66
C PRO B 149 0.67 24.02 -18.91
N GLY B 150 1.99 23.87 -19.02
CA GLY B 150 2.89 24.97 -19.25
C GLY B 150 3.34 25.72 -18.01
N ASP B 151 2.70 25.51 -16.87
CA ASP B 151 3.07 26.18 -15.63
C ASP B 151 4.33 25.54 -15.06
N PRO B 152 5.42 26.28 -14.87
CA PRO B 152 6.64 25.67 -14.32
C PRO B 152 6.59 25.48 -12.81
N ARG B 153 5.62 26.06 -12.12
CA ARG B 153 5.60 25.93 -10.67
C ARG B 153 5.44 24.48 -10.24
N ASP B 154 6.20 24.09 -9.21
CA ASP B 154 6.05 22.77 -8.59
C ASP B 154 6.31 21.65 -9.60
N THR B 155 7.32 21.83 -10.43
CA THR B 155 7.70 20.86 -11.44
C THR B 155 9.16 20.43 -11.29
N THR B 156 9.45 19.29 -11.93
CA THR B 156 10.81 18.89 -12.21
C THR B 156 10.79 18.06 -13.49
N THR B 157 11.96 17.58 -13.90
CA THR B 157 12.01 16.66 -15.04
C THR B 157 12.23 15.23 -14.57
N PRO B 158 11.82 14.24 -15.35
CA PRO B 158 12.09 12.84 -14.93
C PRO B 158 13.57 12.56 -14.73
N ARG B 159 14.43 13.08 -15.62
CA ARG B 159 15.86 12.83 -15.47
C ARG B 159 16.37 13.39 -14.16
N ALA B 160 15.99 14.62 -13.83
CA ALA B 160 16.48 15.23 -12.60
C ALA B 160 15.96 14.50 -11.37
N MET B 161 14.69 14.10 -11.38
CA MET B 161 14.14 13.45 -10.20
CA MET B 161 14.14 13.45 -10.20
C MET B 161 14.72 12.06 -9.98
N ALA B 162 14.99 11.32 -11.06
CA ALA B 162 15.63 10.02 -10.89
C ALA B 162 17.03 10.16 -10.32
N GLN B 163 17.80 11.14 -10.84
CA GLN B 163 19.15 11.37 -10.34
C GLN B 163 19.11 11.72 -8.86
N THR B 164 18.20 12.63 -8.49
CA THR B 164 18.06 13.01 -7.09
C THR B 164 17.59 11.84 -6.23
N LEU B 165 16.61 11.07 -6.69
CA LEU B 165 16.14 9.95 -5.87
C LEU B 165 17.28 8.95 -5.63
N ARG B 166 18.11 8.72 -6.65
CA ARG B 166 19.28 7.85 -6.46
C ARG B 166 20.22 8.42 -5.40
N GLN B 167 20.53 9.71 -5.48
CA GLN B 167 21.45 10.29 -4.51
C GLN B 167 20.90 10.20 -3.09
N LEU B 168 19.58 10.36 -2.93
CA LEU B 168 18.96 10.36 -1.62
C LEU B 168 18.89 8.96 -1.01
N THR B 169 18.61 7.95 -1.82
CA THR B 169 18.32 6.61 -1.31
C THR B 169 19.48 5.64 -1.43
N LEU B 170 20.39 5.85 -2.39
CA LEU B 170 21.50 4.95 -2.64
C LEU B 170 22.85 5.64 -2.59
N GLY B 171 22.90 6.95 -2.69
CA GLY B 171 24.13 7.71 -2.66
C GLY B 171 24.32 8.38 -1.31
N HIS B 172 24.92 9.57 -1.35
CA HIS B 172 25.42 10.19 -0.14
C HIS B 172 24.95 11.63 0.02
N ALA B 173 23.78 11.94 -0.52
CA ALA B 173 23.18 13.24 -0.24
C ALA B 173 22.79 13.37 1.24
N LEU B 174 22.43 12.27 1.88
CA LEU B 174 22.11 12.21 3.30
C LEU B 174 23.16 11.37 4.02
N GLY B 175 23.25 11.58 5.34
CA GLY B 175 24.05 10.70 6.16
C GLY B 175 23.46 9.29 6.22
N GLU B 176 24.28 8.34 6.66
CA GLU B 176 23.91 6.94 6.56
C GLU B 176 22.59 6.63 7.28
N THR B 177 22.42 7.12 8.51
CA THR B 177 21.19 6.82 9.25
C THR B 177 19.98 7.46 8.59
N GLN B 178 20.16 8.67 8.06
CA GLN B 178 19.06 9.38 7.41
C GLN B 178 18.67 8.72 6.09
N ARG B 179 19.66 8.28 5.30
CA ARG B 179 19.37 7.54 4.08
C ARG B 179 18.56 6.30 4.39
N ALA B 180 18.98 5.53 5.40
CA ALA B 180 18.27 4.32 5.77
C ALA B 180 16.86 4.64 6.23
N GLN B 181 16.68 5.73 6.97
CA GLN B 181 15.35 6.13 7.42
C GLN B 181 14.44 6.48 6.23
N LEU B 182 14.98 7.20 5.25
CA LEU B 182 14.17 7.51 4.06
C LEU B 182 13.78 6.24 3.33
N VAL B 183 14.72 5.30 3.18
CA VAL B 183 14.42 4.04 2.48
C VAL B 183 13.36 3.26 3.24
N THR B 184 13.49 3.19 4.57
CA THR B 184 12.48 2.52 5.39
C THR B 184 11.11 3.12 5.17
N TRP B 185 11.01 4.45 5.15
CA TRP B 185 9.72 5.09 4.95
C TRP B 185 9.14 4.77 3.59
N LEU B 186 9.96 4.85 2.53
CA LEU B 186 9.48 4.58 1.19
C LEU B 186 9.03 3.13 1.04
N LYS B 187 9.75 2.20 1.67
CA LYS B 187 9.37 0.78 1.56
C LYS B 187 8.04 0.51 2.26
N GLY B 188 7.68 1.31 3.25
CA GLY B 188 6.44 1.18 3.97
C GLY B 188 5.30 1.99 3.39
N ASN B 189 5.46 2.57 2.20
CA ASN B 189 4.37 3.31 1.59
C ASN B 189 3.12 2.43 1.47
N THR B 190 1.96 3.04 1.75
CA THR B 190 0.69 2.33 1.63
C THR B 190 -0.01 2.55 0.29
N THR B 191 0.43 3.51 -0.52
CA THR B 191 -0.38 3.99 -1.64
C THR B 191 0.08 3.48 -3.00
N GLY B 192 1.06 2.58 -3.05
CA GLY B 192 1.76 2.34 -4.29
C GLY B 192 1.46 1.09 -5.10
N ALA B 193 0.60 0.20 -4.62
CA ALA B 193 0.49 -1.12 -5.25
C ALA B 193 -0.10 -1.09 -6.66
N ALA B 194 -0.80 -0.02 -7.05
CA ALA B 194 -1.40 0.05 -8.37
C ALA B 194 -0.54 0.78 -9.39
N SER B 195 0.60 1.31 -8.98
CA SER B 195 1.42 2.21 -9.81
C SER B 195 2.64 1.42 -10.33
N ILE B 196 3.87 1.90 -10.15
CA ILE B 196 5.04 1.21 -10.68
C ILE B 196 5.06 -0.26 -10.26
N ARG B 197 4.79 -0.52 -8.98
CA ARG B 197 4.81 -1.88 -8.43
C ARG B 197 3.96 -2.84 -9.26
N ALA B 198 2.81 -2.37 -9.76
CA ALA B 198 1.90 -3.26 -10.47
C ALA B 198 2.46 -3.73 -11.81
N GLY B 199 3.49 -3.07 -12.33
CA GLY B 199 4.12 -3.52 -13.56
C GLY B 199 5.35 -4.36 -13.38
N LEU B 200 5.74 -4.69 -12.15
CA LEU B 200 6.99 -5.38 -11.87
C LEU B 200 6.73 -6.77 -11.30
N PRO B 201 7.67 -7.71 -11.46
CA PRO B 201 7.52 -9.01 -10.81
C PRO B 201 7.22 -8.84 -9.32
N THR B 202 6.31 -9.67 -8.81
CA THR B 202 5.82 -9.48 -7.45
C THR B 202 6.84 -9.84 -6.39
N SER B 203 7.92 -10.53 -6.75
CA SER B 203 8.96 -10.87 -5.79
C SER B 203 9.92 -9.73 -5.52
N TRP B 204 9.86 -8.64 -6.30
CA TRP B 204 10.80 -7.55 -6.15
C TRP B 204 10.36 -6.63 -5.02
N THR B 205 11.34 -6.06 -4.32
CA THR B 205 11.08 -5.10 -3.25
C THR B 205 11.09 -3.70 -3.81
N VAL B 206 10.08 -2.90 -3.45
CA VAL B 206 9.92 -1.55 -3.98
C VAL B 206 9.68 -0.59 -2.81
N GLY B 207 10.30 0.57 -2.89
CA GLY B 207 9.89 1.72 -2.10
C GLY B 207 9.50 2.82 -3.07
N ASP B 208 8.41 3.52 -2.77
CA ASP B 208 7.93 4.48 -3.75
C ASP B 208 7.12 5.58 -3.08
N LYS B 209 6.89 6.66 -3.85
CA LYS B 209 5.99 7.74 -3.46
C LYS B 209 5.13 8.10 -4.66
N THR B 210 3.81 8.06 -4.49
CA THR B 210 2.85 8.39 -5.53
C THR B 210 2.49 9.88 -5.50
N GLY B 211 1.85 10.33 -6.57
CA GLY B 211 1.25 11.64 -6.60
C GLY B 211 0.08 11.65 -7.54
N SER B 212 -0.88 12.54 -7.26
CA SER B 212 -2.01 12.77 -8.15
C SER B 212 -2.42 14.23 -8.06
N GLY B 213 -2.97 14.73 -9.16
CA GLY B 213 -3.40 16.11 -9.19
C GLY B 213 -4.43 16.33 -10.28
N ASP B 214 -4.72 17.61 -10.53
CA ASP B 214 -5.62 17.97 -11.61
C ASP B 214 -4.99 17.59 -12.95
N TYR B 215 -5.77 17.74 -14.03
CA TYR B 215 -5.34 17.27 -15.35
C TYR B 215 -5.01 15.78 -15.35
N GLY B 216 -5.69 15.02 -14.48
CA GLY B 216 -5.47 13.59 -14.44
C GLY B 216 -4.04 13.21 -14.15
N THR B 217 -3.31 14.07 -13.45
CA THR B 217 -1.89 13.84 -13.25
C THR B 217 -1.72 12.66 -12.31
N THR B 218 -0.90 11.70 -12.74
CA THR B 218 -0.73 10.44 -12.02
C THR B 218 0.76 10.14 -12.07
N ASN B 219 1.40 10.13 -10.89
CA ASN B 219 2.85 10.03 -10.80
C ASN B 219 3.29 8.96 -9.82
N ASP B 220 4.52 8.48 -10.00
CA ASP B 220 5.14 7.58 -9.04
C ASP B 220 6.65 7.66 -9.23
N ILE B 221 7.38 7.70 -8.12
CA ILE B 221 8.84 7.63 -8.14
C ILE B 221 9.25 6.50 -7.20
N ALA B 222 10.16 5.66 -7.65
CA ALA B 222 10.43 4.40 -6.95
C ALA B 222 11.91 4.04 -6.96
N VAL B 223 12.33 3.35 -5.92
CA VAL B 223 13.57 2.60 -5.92
C VAL B 223 13.19 1.13 -5.83
N ILE B 224 13.83 0.31 -6.67
CA ILE B 224 13.40 -1.06 -6.92
C ILE B 224 14.59 -1.97 -6.69
N TRP B 225 14.40 -3.00 -5.86
CA TRP B 225 15.42 -4.01 -5.62
C TRP B 225 14.98 -5.31 -6.29
N PRO B 226 15.40 -5.57 -7.52
CA PRO B 226 14.99 -6.82 -8.18
C PRO B 226 15.74 -7.97 -7.56
N GLN B 227 15.19 -9.17 -7.76
CA GLN B 227 15.82 -10.35 -7.21
C GLN B 227 17.15 -10.60 -7.93
N GLY B 228 18.22 -10.65 -7.15
CA GLY B 228 19.51 -11.04 -7.68
C GLY B 228 20.26 -10.00 -8.49
N ARG B 229 19.89 -8.73 -8.39
CA ARG B 229 20.60 -7.71 -9.14
C ARG B 229 20.54 -6.37 -8.40
N ALA B 230 21.38 -5.45 -8.85
CA ALA B 230 21.50 -4.14 -8.24
C ALA B 230 20.22 -3.33 -8.43
N PRO B 231 19.95 -2.37 -7.56
CA PRO B 231 18.68 -1.64 -7.63
C PRO B 231 18.54 -0.74 -8.85
N LEU B 232 17.28 -0.49 -9.17
CA LEU B 232 16.88 0.47 -10.19
C LEU B 232 16.22 1.67 -9.53
N VAL B 233 16.33 2.82 -10.17
CA VAL B 233 15.55 4.00 -9.80
C VAL B 233 14.67 4.33 -10.99
N LEU B 234 13.37 4.50 -10.73
CA LEU B 234 12.42 4.70 -11.83
C LEU B 234 11.45 5.81 -11.47
N VAL B 235 11.35 6.80 -12.36
N VAL B 235 11.31 6.79 -12.35
CA VAL B 235 10.37 7.88 -12.28
CA VAL B 235 10.33 7.86 -12.19
C VAL B 235 9.38 7.70 -13.42
C VAL B 235 9.39 7.85 -13.38
N THR B 236 8.08 7.76 -13.12
CA THR B 236 7.03 7.74 -14.13
C THR B 236 6.06 8.86 -13.81
N TYR B 237 5.98 9.86 -14.69
CA TYR B 237 5.11 11.00 -14.56
C TYR B 237 4.11 10.97 -15.71
N PHE B 238 2.86 11.34 -15.43
CA PHE B 238 1.83 11.26 -16.46
C PHE B 238 0.82 12.37 -16.24
N THR B 239 0.46 13.09 -17.31
CA THR B 239 -0.54 14.15 -17.19
C THR B 239 -1.35 14.19 -18.49
N GLN B 240 -2.54 14.77 -18.42
CA GLN B 240 -3.55 14.61 -19.44
C GLN B 240 -4.11 15.96 -19.88
N PRO B 241 -4.80 16.01 -21.03
CA PRO B 241 -5.22 17.32 -21.58
C PRO B 241 -6.39 17.97 -20.86
N GLN B 242 -7.26 17.20 -20.21
CA GLN B 242 -8.49 17.73 -19.62
C GLN B 242 -8.30 17.95 -18.11
N GLN B 243 -8.72 19.11 -17.62
CA GLN B 243 -8.53 19.43 -16.21
C GLN B 243 -9.15 18.39 -15.28
N ASN B 244 -10.28 17.81 -15.68
CA ASN B 244 -11.02 16.88 -14.83
C ASN B 244 -10.75 15.41 -15.18
N ALA B 245 -9.64 15.13 -15.86
CA ALA B 245 -9.36 13.76 -16.29
C ALA B 245 -9.20 12.84 -15.08
N GLU B 246 -9.54 11.57 -15.29
CA GLU B 246 -9.43 10.55 -14.26
C GLU B 246 -7.98 10.10 -14.10
N SER B 247 -7.68 9.54 -12.92
CA SER B 247 -6.37 8.98 -12.66
C SER B 247 -6.12 7.78 -13.56
N ARG B 248 -4.86 7.56 -13.91
CA ARG B 248 -4.46 6.47 -14.79
C ARG B 248 -3.22 5.78 -14.23
N ARG B 249 -3.35 5.21 -13.03
CA ARG B 249 -2.22 4.48 -12.44
C ARG B 249 -1.79 3.30 -13.31
N ASP B 250 -2.73 2.74 -14.09
CA ASP B 250 -2.42 1.65 -15.00
C ASP B 250 -1.37 2.05 -16.04
N VAL B 251 -1.34 3.32 -16.43
CA VAL B 251 -0.33 3.78 -17.40
C VAL B 251 1.06 3.70 -16.79
N LEU B 252 1.17 4.06 -15.51
CA LEU B 252 2.45 3.94 -14.82
C LEU B 252 2.86 2.47 -14.69
N ALA B 253 1.92 1.60 -14.35
CA ALA B 253 2.22 0.17 -14.30
C ALA B 253 2.68 -0.33 -15.65
N SER B 254 2.00 0.10 -16.71
CA SER B 254 2.39 -0.33 -18.07
C SER B 254 3.77 0.16 -18.45
N ALA B 255 4.09 1.41 -18.10
CA ALA B 255 5.43 1.92 -18.34
C ALA B 255 6.48 1.11 -17.59
N ALA B 256 6.22 0.79 -16.33
CA ALA B 256 7.18 -0.01 -15.57
C ALA B 256 7.35 -1.40 -16.17
N ARG B 257 6.24 -1.99 -16.64
CA ARG B 257 6.30 -3.32 -17.26
C ARG B 257 7.16 -3.30 -18.53
N ILE B 258 7.01 -2.25 -19.35
CA ILE B 258 7.87 -2.10 -20.53
C ILE B 258 9.32 -2.01 -20.12
N ILE B 259 9.60 -1.23 -19.08
CA ILE B 259 10.97 -1.04 -18.62
C ILE B 259 11.55 -2.36 -18.12
N ALA B 260 10.74 -3.16 -17.40
CA ALA B 260 11.24 -4.38 -16.80
C ALA B 260 11.49 -5.47 -17.84
N GLU B 261 10.65 -5.53 -18.88
CA GLU B 261 10.87 -6.52 -19.94
C GLU B 261 12.06 -6.16 -20.81
N GLY B 262 12.42 -4.89 -20.89
CA GLY B 262 13.56 -4.46 -21.69
C GLY B 262 14.88 -4.98 -21.14
#